data_5DR9
#
_entry.id   5DR9
#
_cell.length_a   83.425
_cell.length_b   83.425
_cell.length_c   167.246
_cell.angle_alpha   90.00
_cell.angle_beta   90.00
_cell.angle_gamma   120.00
#
_symmetry.space_group_name_H-M   'P 61 2 2'
#
loop_
_entity.id
_entity.type
_entity.pdbx_description
1 polymer 'Aurora kinase A'
2 non-polymer 4-({5-amino-1-[(2,6-difluorophenyl)carbonyl]-1H-1,2,4-triazol-3-yl}amino)benzenesulfonamide
3 non-polymer '2-(3-bromophenyl)-6-chloroquinoline-4-carboxylic acid'
4 water water
#
_entity_poly.entity_id   1
_entity_poly.type   'polypeptide(L)'
_entity_poly.pdbx_seq_one_letter_code
;MGRQWALEDFEIGRPLGKGKFGNVYLAREKQSKFILALKVLFKAQLEKAGVEHQLRREVEIQSHLRHPNILRLYGYFHDA
TRVYLILEYAPLGTVYRELQKLSKFDEQRTATYITELANALSYCHSKRVIHRDIKPENLLLGSAGELKIADFGWSVHAPS
SRRATLCGTLDYLPPEMIEGRMHDEKVDLWSLGVLCYEFLVGKPPFEANTYQETYKRISRVEFTFPDFVTEGARDLISRL
LKHNPSQRPMLREVLEHPWITANSSKPHHHHHH
;
_entity_poly.pdbx_strand_id   A
#
loop_
_chem_comp.id
_chem_comp.type
_chem_comp.name
_chem_comp.formula
5E2 non-polymer '2-(3-bromophenyl)-6-chloroquinoline-4-carboxylic acid' 'C16 H9 Br Cl N O2'
SKE non-polymer 4-({5-amino-1-[(2,6-difluorophenyl)carbonyl]-1H-1,2,4-triazol-3-yl}amino)benzenesulfonamide 'C15 H12 F2 N6 O3 S'
#
# COMPACT_ATOMS: atom_id res chain seq x y z
N GLN A 4 -23.22 9.88 -15.58
CA GLN A 4 -23.82 8.90 -14.62
C GLN A 4 -23.69 9.38 -13.18
N TRP A 5 -22.57 10.03 -12.81
CA TRP A 5 -22.36 10.54 -11.47
C TRP A 5 -22.19 12.03 -11.41
N ALA A 6 -22.73 12.62 -10.34
CA ALA A 6 -22.60 14.04 -10.02
C ALA A 6 -22.63 14.20 -8.49
N LEU A 7 -21.95 15.22 -8.01
CA LEU A 7 -21.88 15.57 -6.59
C LEU A 7 -23.24 15.58 -5.88
N GLU A 8 -24.27 16.11 -6.52
CA GLU A 8 -25.68 16.07 -6.05
C GLU A 8 -26.24 14.66 -5.67
N ASP A 9 -25.55 13.59 -6.07
CA ASP A 9 -25.98 12.23 -5.74
C ASP A 9 -25.50 11.84 -4.34
N PHE A 10 -24.57 12.63 -3.76
CA PHE A 10 -23.90 12.31 -2.51
C PHE A 10 -24.15 13.32 -1.40
N GLU A 11 -24.26 12.80 -0.17
CA GLU A 11 -24.21 13.59 1.06
C GLU A 11 -22.83 13.45 1.68
N ILE A 12 -22.13 14.54 1.80
CA ILE A 12 -20.76 14.53 2.29
C ILE A 12 -20.74 14.63 3.81
N GLY A 13 -19.96 13.74 4.42
CA GLY A 13 -19.76 13.71 5.84
C GLY A 13 -18.43 14.32 6.14
N ARG A 14 -17.73 13.75 7.12
CA ARG A 14 -16.47 14.37 7.58
C ARG A 14 -15.25 13.93 6.81
N PRO A 15 -14.15 14.67 6.98
CA PRO A 15 -12.88 14.29 6.38
C PRO A 15 -12.29 13.05 6.93
N LEU A 16 -11.69 12.23 6.05
CA LEU A 16 -11.04 10.99 6.38
C LEU A 16 -9.55 11.09 6.24
N GLY A 17 -9.08 12.13 5.54
CA GLY A 17 -7.67 12.35 5.27
C GLY A 17 -7.51 13.43 4.21
N LYS A 18 -6.32 14.05 4.18
CA LYS A 18 -6.04 15.22 3.33
C LYS A 18 -4.90 15.01 2.33
N GLY A 19 -5.03 15.66 1.18
CA GLY A 19 -4.06 15.58 0.10
C GLY A 19 -2.95 16.59 0.28
N LYS A 20 -1.86 16.54 -0.51
CA LYS A 20 -1.68 15.75 -1.76
C LYS A 20 -2.48 16.50 -2.86
N PHE A 21 -2.99 15.78 -3.84
CA PHE A 21 -3.79 16.41 -4.89
C PHE A 21 -5.20 16.68 -4.33
N GLY A 22 -5.61 15.86 -3.34
CA GLY A 22 -6.85 16.15 -2.63
C GLY A 22 -7.23 15.27 -1.45
N ASN A 23 -8.28 15.75 -0.77
CA ASN A 23 -8.87 15.12 0.41
C ASN A 23 -9.88 13.99 0.16
N VAL A 24 -10.04 13.11 1.16
CA VAL A 24 -11.01 12.03 1.13
C VAL A 24 -12.06 12.38 2.18
N TYR A 25 -13.33 12.22 1.86
CA TYR A 25 -14.38 12.51 2.73
C TYR A 25 -15.30 11.31 2.84
N LEU A 26 -15.91 11.12 4.01
CA LEU A 26 -16.95 10.10 4.13
C LEU A 26 -18.14 10.71 3.42
N ALA A 27 -18.93 9.88 2.74
CA ALA A 27 -20.08 10.33 2.02
C ALA A 27 -21.07 9.25 1.97
N ARG A 28 -22.33 9.62 1.69
CA ARG A 28 -23.41 8.61 1.47
C ARG A 28 -24.08 8.92 0.13
N GLU A 29 -24.34 7.91 -0.65
CA GLU A 29 -25.08 8.10 -1.87
C GLU A 29 -26.56 8.25 -1.50
N LYS A 30 -27.19 9.30 -2.05
CA LYS A 30 -28.52 9.71 -1.59
C LYS A 30 -29.58 8.65 -1.86
N GLN A 31 -29.56 8.10 -3.06
CA GLN A 31 -30.58 7.14 -3.43
C GLN A 31 -30.48 5.87 -2.63
N SER A 32 -29.33 5.20 -2.72
CA SER A 32 -29.11 3.88 -2.12
C SER A 32 -28.76 3.90 -0.60
N LYS A 33 -28.35 5.06 -0.06
CA LYS A 33 -27.91 5.18 1.36
C LYS A 33 -26.57 4.46 1.57
N PHE A 34 -25.89 4.10 0.48
CA PHE A 34 -24.63 3.35 0.48
C PHE A 34 -23.52 4.26 0.99
N ILE A 35 -22.87 3.84 2.08
CA ILE A 35 -21.75 4.68 2.69
C ILE A 35 -20.45 4.32 1.90
N LEU A 36 -19.68 5.35 1.58
CA LEU A 36 -18.49 5.23 0.76
C LEU A 36 -17.60 6.37 1.06
N ALA A 37 -16.46 6.43 0.38
CA ALA A 37 -15.51 7.51 0.56
C ALA A 37 -15.24 8.18 -0.78
N LEU A 38 -15.22 9.52 -0.78
CA LEU A 38 -14.96 10.37 -1.93
C LEU A 38 -13.64 11.05 -1.85
N LYS A 39 -12.74 10.67 -2.74
CA LYS A 39 -11.49 11.38 -2.96
C LYS A 39 -11.81 12.54 -3.91
N VAL A 40 -11.38 13.75 -3.53
CA VAL A 40 -11.73 15.01 -4.25
C VAL A 40 -10.42 15.62 -4.63
N LEU A 41 -10.02 15.44 -5.89
CA LEU A 41 -8.78 15.99 -6.38
C LEU A 41 -9.09 17.27 -7.19
N PHE A 42 -8.27 18.30 -6.99
CA PHE A 42 -8.43 19.56 -7.75
C PHE A 42 -7.68 19.46 -9.12
N LYS A 43 -8.37 19.77 -10.21
CA LYS A 43 -7.81 19.73 -11.61
C LYS A 43 -6.54 20.54 -11.78
N ALA A 44 -6.45 21.64 -11.02
CA ALA A 44 -5.29 22.52 -10.96
C ALA A 44 -4.00 21.80 -10.56
N GLN A 45 -3.97 21.20 -9.38
CA GLN A 45 -2.76 20.49 -8.93
C GLN A 45 -2.39 19.39 -9.90
N LEU A 46 -3.40 18.65 -10.32
CA LEU A 46 -3.16 17.52 -11.21
C LEU A 46 -2.47 18.00 -12.47
N GLU A 47 -2.94 19.12 -13.02
CA GLU A 47 -2.34 19.74 -14.21
C GLU A 47 -0.91 20.27 -13.91
N LYS A 48 -0.76 20.99 -12.81
CA LYS A 48 0.52 21.56 -12.37
C LYS A 48 1.61 20.53 -12.06
N ALA A 49 1.25 19.42 -11.42
CA ALA A 49 2.20 18.33 -11.19
C ALA A 49 2.22 17.35 -12.39
N GLY A 50 1.36 17.58 -13.38
CA GLY A 50 1.30 16.79 -14.60
C GLY A 50 1.05 15.30 -14.39
N VAL A 51 -0.01 14.96 -13.66
CA VAL A 51 -0.33 13.56 -13.30
C VAL A 51 -1.69 13.05 -13.84
N GLU A 52 -2.39 13.84 -14.67
CA GLU A 52 -3.72 13.46 -15.23
C GLU A 52 -3.67 12.13 -16.02
N HIS A 53 -2.47 11.83 -16.52
CA HIS A 53 -2.18 10.68 -17.36
C HIS A 53 -2.13 9.42 -16.46
N GLN A 54 -1.34 9.50 -15.38
CA GLN A 54 -1.18 8.40 -14.38
C GLN A 54 -2.46 8.15 -13.57
N LEU A 55 -3.21 9.22 -13.31
CA LEU A 55 -4.47 9.11 -12.60
C LEU A 55 -5.45 8.31 -13.43
N ARG A 56 -5.52 8.64 -14.72
CA ARG A 56 -6.40 7.92 -15.64
C ARG A 56 -5.95 6.46 -15.74
N ARG A 57 -4.64 6.23 -15.61
CA ARG A 57 -4.10 4.87 -15.58
C ARG A 57 -4.59 4.15 -14.32
N GLU A 58 -4.18 4.68 -13.15
CA GLU A 58 -4.55 4.13 -11.85
C GLU A 58 -6.04 3.71 -11.85
N VAL A 59 -6.92 4.68 -12.15
CA VAL A 59 -8.38 4.52 -12.19
C VAL A 59 -8.82 3.37 -13.09
N GLU A 60 -8.18 3.25 -14.25
CA GLU A 60 -8.47 2.15 -15.17
C GLU A 60 -8.04 0.79 -14.58
N ILE A 61 -6.82 0.74 -14.02
CA ILE A 61 -6.32 -0.46 -13.33
C ILE A 61 -7.23 -0.89 -12.14
N GLN A 62 -7.46 0.07 -11.21
CA GLN A 62 -8.19 -0.13 -9.95
C GLN A 62 -9.63 -0.57 -10.13
N SER A 63 -10.34 0.05 -11.06
CA SER A 63 -11.75 -0.32 -11.37
C SER A 63 -11.99 -1.78 -11.85
N HIS A 64 -10.99 -2.43 -12.47
CA HIS A 64 -11.15 -3.87 -12.87
C HIS A 64 -10.78 -4.90 -11.79
N LEU A 65 -10.00 -4.48 -10.79
CA LEU A 65 -9.51 -5.39 -9.76
C LEU A 65 -10.59 -5.74 -8.74
N ARG A 66 -10.68 -7.03 -8.43
CA ARG A 66 -11.63 -7.60 -7.50
C ARG A 66 -10.87 -8.59 -6.62
N HIS A 67 -10.66 -8.16 -5.38
CA HIS A 67 -10.02 -8.96 -4.39
C HIS A 67 -10.44 -8.40 -3.04
N PRO A 68 -10.63 -9.29 -2.06
CA PRO A 68 -11.10 -8.76 -0.78
C PRO A 68 -10.03 -7.90 0.01
N ASN A 69 -8.76 -7.97 -0.41
CA ASN A 69 -7.63 -7.20 0.20
C ASN A 69 -7.16 -6.06 -0.64
N ILE A 70 -8.01 -5.67 -1.61
CA ILE A 70 -7.80 -4.52 -2.47
C ILE A 70 -9.04 -3.64 -2.39
N LEU A 71 -8.82 -2.33 -2.25
CA LEU A 71 -9.85 -1.36 -2.02
C LEU A 71 -10.55 -1.13 -3.36
N ARG A 72 -11.89 -1.30 -3.40
CA ARG A 72 -12.66 -1.13 -4.65
C ARG A 72 -12.78 0.38 -5.04
N LEU A 73 -12.59 0.71 -6.30
CA LEU A 73 -13.06 1.96 -6.90
C LEU A 73 -14.34 1.65 -7.66
N TYR A 74 -15.43 2.25 -7.20
CA TYR A 74 -16.75 2.00 -7.76
C TYR A 74 -16.99 2.82 -9.05
N GLY A 75 -16.30 3.93 -9.21
CA GLY A 75 -16.66 4.93 -10.24
C GLY A 75 -15.95 6.25 -10.02
N TYR A 76 -16.21 7.20 -10.91
CA TYR A 76 -15.59 8.54 -10.92
C TYR A 76 -16.47 9.53 -11.67
N PHE A 77 -16.09 10.80 -11.59
CA PHE A 77 -16.74 11.94 -12.26
C PHE A 77 -15.86 13.16 -12.09
N HIS A 78 -16.23 14.25 -12.75
CA HIS A 78 -15.49 15.48 -12.62
C HIS A 78 -16.34 16.68 -12.89
N ASP A 79 -15.92 17.80 -12.32
CA ASP A 79 -16.60 19.07 -12.46
C ASP A 79 -15.62 19.98 -13.15
N ALA A 80 -15.98 21.25 -13.31
CA ALA A 80 -15.07 22.16 -13.98
C ALA A 80 -13.76 22.22 -13.21
N THR A 81 -13.85 22.26 -11.88
CA THR A 81 -12.63 22.33 -11.08
C THR A 81 -12.22 21.10 -10.26
N ARG A 82 -12.95 19.99 -10.35
CA ARG A 82 -12.56 18.82 -9.54
C ARG A 82 -12.83 17.50 -10.22
N VAL A 83 -11.99 16.55 -9.84
CA VAL A 83 -12.18 15.14 -10.15
C VAL A 83 -12.52 14.43 -8.82
N TYR A 84 -13.55 13.60 -8.89
CA TYR A 84 -14.02 12.83 -7.76
C TYR A 84 -13.90 11.34 -8.04
N LEU A 85 -13.32 10.59 -7.09
CA LEU A 85 -13.25 9.14 -7.14
C LEU A 85 -14.16 8.57 -6.08
N ILE A 86 -14.93 7.55 -6.44
CA ILE A 86 -15.88 6.95 -5.52
C ILE A 86 -15.26 5.64 -5.10
N LEU A 87 -14.78 5.66 -3.85
CA LEU A 87 -14.05 4.57 -3.28
C LEU A 87 -14.88 3.78 -2.27
N GLU A 88 -14.45 2.56 -2.01
CA GLU A 88 -14.93 1.82 -0.87
C GLU A 88 -14.42 2.50 0.47
N TYR A 89 -15.30 2.62 1.46
CA TYR A 89 -14.93 3.11 2.77
C TYR A 89 -14.46 1.95 3.65
N ALA A 90 -13.20 2.04 4.11
CA ALA A 90 -12.61 1.13 5.06
C ALA A 90 -12.83 1.68 6.48
N PRO A 91 -13.76 1.10 7.27
CA PRO A 91 -14.13 1.80 8.52
C PRO A 91 -13.12 1.78 9.65
N LEU A 92 -12.08 0.92 9.61
CA LEU A 92 -11.05 0.91 10.68
C LEU A 92 -9.79 1.72 10.47
N GLY A 93 -9.79 2.52 9.43
CA GLY A 93 -8.70 3.39 9.12
C GLY A 93 -7.44 2.86 8.55
N THR A 94 -6.39 3.70 8.60
CA THR A 94 -5.07 3.28 8.16
C THR A 94 -4.28 2.41 9.15
N VAL A 95 -3.41 1.56 8.59
CA VAL A 95 -2.47 0.74 9.30
C VAL A 95 -1.42 1.69 9.84
N TYR A 96 -1.11 2.72 9.06
CA TYR A 96 -0.26 3.78 9.53
C TYR A 96 -0.68 4.28 10.92
N ARG A 97 -1.97 4.58 11.10
CA ARG A 97 -2.44 5.14 12.37
C ARG A 97 -2.56 4.11 13.45
N GLU A 98 -3.02 2.91 13.09
CA GLU A 98 -2.98 1.78 14.01
C GLU A 98 -1.55 1.55 14.56
N LEU A 99 -0.56 1.81 13.73
CA LEU A 99 0.84 1.56 14.15
C LEU A 99 1.30 2.66 15.12
N GLN A 100 0.93 3.91 14.82
CA GLN A 100 1.16 5.01 15.72
C GLN A 100 0.59 4.75 17.10
N LYS A 101 -0.63 4.22 17.15
CA LYS A 101 -1.31 3.87 18.39
C LYS A 101 -0.66 2.74 19.18
N LEU A 102 -0.23 1.69 18.52
CA LEU A 102 0.37 0.54 19.19
C LEU A 102 1.89 0.54 19.31
N SER A 103 2.56 1.42 18.57
CA SER A 103 4.03 1.46 18.63
C SER A 103 4.59 0.07 18.37
N LYS A 104 4.10 -0.58 17.31
CA LYS A 104 4.51 -1.91 16.83
C LYS A 104 3.50 -3.04 17.09
N PHE A 105 3.57 -4.07 16.25
CA PHE A 105 2.67 -5.19 16.26
C PHE A 105 3.35 -6.45 16.71
N ASP A 106 2.56 -7.34 17.28
CA ASP A 106 3.02 -8.64 17.69
C ASP A 106 3.10 -9.52 16.39
N GLU A 107 3.62 -10.72 16.55
CA GLU A 107 3.87 -11.62 15.43
C GLU A 107 2.61 -12.09 14.74
N GLN A 108 1.56 -12.27 15.51
CA GLN A 108 0.31 -12.77 14.98
C GLN A 108 -0.28 -11.75 14.02
N ARG A 109 -0.40 -10.52 14.48
CA ARG A 109 -0.95 -9.47 13.63
C ARG A 109 -0.06 -9.26 12.39
N THR A 110 1.27 -9.18 12.59
CA THR A 110 2.20 -9.02 11.50
C THR A 110 2.03 -10.16 10.45
N ALA A 111 2.09 -11.42 10.89
CA ALA A 111 2.01 -12.56 9.98
C ALA A 111 0.70 -12.58 9.23
N THR A 112 -0.37 -12.14 9.89
CA THR A 112 -1.70 -11.99 9.27
C THR A 112 -1.74 -10.94 8.23
N TYR A 113 -1.22 -9.75 8.54
CA TYR A 113 -1.12 -8.68 7.55
C TYR A 113 -0.26 -9.06 6.39
N ILE A 114 0.83 -9.78 6.62
CA ILE A 114 1.71 -10.15 5.50
C ILE A 114 1.02 -11.23 4.58
N THR A 115 0.26 -12.13 5.18
CA THR A 115 -0.51 -13.13 4.40
C THR A 115 -1.51 -12.40 3.52
N GLU A 116 -2.28 -11.49 4.14
CA GLU A 116 -3.30 -10.69 3.42
C GLU A 116 -2.71 -9.91 2.26
N LEU A 117 -1.50 -9.42 2.47
CA LEU A 117 -0.80 -8.53 1.56
C LEU A 117 -0.25 -9.38 0.40
N ALA A 118 0.38 -10.52 0.75
CA ALA A 118 0.96 -11.43 -0.26
C ALA A 118 -0.11 -12.03 -1.15
N ASN A 119 -1.27 -12.32 -0.58
CA ASN A 119 -2.42 -12.76 -1.37
C ASN A 119 -2.84 -11.69 -2.33
N ALA A 120 -3.04 -10.47 -1.85
CA ALA A 120 -3.42 -9.38 -2.75
C ALA A 120 -2.41 -9.14 -3.87
N LEU A 121 -1.13 -9.34 -3.56
CA LEU A 121 -0.05 -9.14 -4.49
C LEU A 121 0.00 -10.31 -5.53
N SER A 122 -0.21 -11.55 -5.10
CA SER A 122 -0.37 -12.72 -6.03
C SER A 122 -1.45 -12.42 -7.06
N TYR A 123 -2.66 -12.03 -6.58
CA TYR A 123 -3.73 -11.61 -7.46
C TYR A 123 -3.29 -10.51 -8.41
N CYS A 124 -2.59 -9.52 -7.87
CA CYS A 124 -2.07 -8.40 -8.68
C CYS A 124 -1.06 -8.83 -9.74
N HIS A 125 -0.06 -9.62 -9.35
CA HIS A 125 0.98 -10.06 -10.27
C HIS A 125 0.45 -10.99 -11.34
N SER A 126 -0.59 -11.77 -11.01
CA SER A 126 -1.27 -12.64 -11.96
C SER A 126 -2.13 -11.88 -12.98
N LYS A 127 -2.03 -10.55 -13.00
CA LYS A 127 -2.57 -9.66 -14.02
C LYS A 127 -1.49 -8.67 -14.45
N ARG A 128 -0.24 -9.06 -14.13
CA ARG A 128 1.00 -8.30 -14.35
C ARG A 128 0.93 -6.83 -13.88
N VAL A 129 0.37 -6.63 -12.69
CA VAL A 129 0.26 -5.32 -12.06
C VAL A 129 1.22 -5.35 -10.89
N ILE A 130 2.19 -4.42 -10.89
CA ILE A 130 3.14 -4.24 -9.78
C ILE A 130 2.71 -2.98 -9.06
N HIS A 131 2.58 -3.05 -7.74
CA HIS A 131 2.03 -1.95 -6.99
C HIS A 131 3.03 -0.85 -6.86
N ARG A 132 4.20 -1.17 -6.30
CA ARG A 132 5.28 -0.19 -6.11
C ARG A 132 5.15 0.75 -4.90
N ASP A 133 3.94 1.13 -4.52
CA ASP A 133 3.73 2.03 -3.38
C ASP A 133 3.19 1.46 -2.08
N ILE A 134 3.37 0.17 -1.83
CA ILE A 134 2.84 -0.44 -0.60
C ILE A 134 3.52 0.25 0.58
N LYS A 135 2.73 0.90 1.44
CA LYS A 135 3.25 1.57 2.62
C LYS A 135 2.14 1.73 3.62
N PRO A 136 2.45 1.83 4.93
CA PRO A 136 1.33 1.87 5.90
C PRO A 136 0.25 2.95 5.71
N GLU A 137 0.59 4.09 5.09
CA GLU A 137 -0.37 5.18 4.82
C GLU A 137 -1.36 4.74 3.71
N ASN A 138 -1.01 3.70 2.93
CA ASN A 138 -1.80 3.18 1.79
C ASN A 138 -2.50 1.89 2.12
N LEU A 139 -2.48 1.48 3.41
CA LEU A 139 -3.06 0.26 3.79
C LEU A 139 -4.17 0.58 4.75
N LEU A 140 -5.34 0.09 4.37
CA LEU A 140 -6.57 0.36 5.11
C LEU A 140 -7.02 -0.88 5.79
N LEU A 141 -7.88 -0.73 6.76
CA LEU A 141 -8.44 -1.85 7.46
C LEU A 141 -10.01 -1.87 7.32
N GLY A 142 -10.54 -2.95 6.78
CA GLY A 142 -11.96 -3.21 6.75
C GLY A 142 -12.59 -3.41 8.12
N SER A 143 -13.92 -3.60 8.14
CA SER A 143 -14.67 -3.77 9.42
C SER A 143 -14.31 -5.04 10.21
N ALA A 144 -13.84 -6.09 9.52
CA ALA A 144 -13.37 -7.27 10.25
C ALA A 144 -11.85 -7.13 10.52
N GLY A 145 -11.34 -5.88 10.56
CA GLY A 145 -9.88 -5.62 10.70
C GLY A 145 -8.93 -6.18 9.62
N GLU A 146 -9.48 -6.53 8.47
CA GLU A 146 -8.75 -7.10 7.34
C GLU A 146 -8.08 -5.98 6.54
N LEU A 147 -6.87 -6.26 6.11
CA LEU A 147 -6.02 -5.32 5.38
C LEU A 147 -6.52 -5.15 4.00
N LYS A 148 -6.51 -3.91 3.52
CA LYS A 148 -6.92 -3.60 2.16
C LYS A 148 -5.94 -2.65 1.56
N ILE A 149 -5.39 -2.99 0.40
CA ILE A 149 -4.50 -2.05 -0.28
C ILE A 149 -5.26 -0.96 -1.01
N ALA A 150 -4.78 0.26 -0.89
CA ALA A 150 -5.38 1.41 -1.49
C ALA A 150 -4.38 2.12 -2.37
N ASP A 151 -4.65 3.37 -2.74
CA ASP A 151 -3.66 4.15 -3.47
C ASP A 151 -2.90 3.47 -4.60
N PHE A 152 -3.58 3.00 -5.62
CA PHE A 152 -2.88 2.31 -6.72
C PHE A 152 -1.95 3.17 -7.57
N GLY A 153 -2.04 4.49 -7.43
CA GLY A 153 -1.19 5.39 -8.19
C GLY A 153 0.26 5.09 -7.88
N TRP A 154 1.12 5.32 -8.88
CA TRP A 154 2.54 5.04 -8.80
C TRP A 154 2.85 3.61 -9.24
N SER A 155 1.82 2.91 -9.74
CA SER A 155 1.96 1.54 -10.22
C SER A 155 1.72 1.41 -11.72
N VAL A 156 2.58 0.65 -12.40
CA VAL A 156 2.46 0.45 -13.84
C VAL A 156 2.59 -1.01 -14.29
N HIS A 157 2.04 -1.31 -15.46
CA HIS A 157 2.07 -2.69 -16.02
C HIS A 157 3.55 -3.09 -16.25
N ALA A 158 4.01 -4.08 -15.48
CA ALA A 158 5.43 -4.57 -15.43
C ALA A 158 6.11 -4.72 -16.80
N PRO A 159 7.39 -4.33 -17.01
CA PRO A 159 8.32 -3.76 -16.04
C PRO A 159 8.38 -2.20 -16.09
N CYS A 167 8.14 11.34 -6.44
CA CYS A 167 8.01 10.55 -5.22
C CYS A 167 8.53 11.28 -3.96
N GLY A 168 7.98 10.89 -2.81
CA GLY A 168 8.41 11.38 -1.50
C GLY A 168 9.44 10.40 -0.93
N THR A 169 9.33 10.15 0.37
CA THR A 169 10.29 9.29 1.09
C THR A 169 10.57 7.95 0.38
N LEU A 170 11.83 7.53 0.39
CA LEU A 170 12.31 6.34 -0.31
C LEU A 170 12.44 5.07 0.53
N ASP A 171 11.84 5.07 1.70
CA ASP A 171 11.93 3.93 2.61
C ASP A 171 11.45 2.59 2.08
N TYR A 172 10.41 2.58 1.26
CA TYR A 172 9.82 1.33 0.79
C TYR A 172 10.32 0.86 -0.55
N LEU A 173 11.18 1.62 -1.21
CA LEU A 173 11.71 1.28 -2.56
C LEU A 173 12.89 0.38 -2.61
N PRO A 174 12.95 -0.58 -3.56
CA PRO A 174 14.12 -1.44 -3.60
C PRO A 174 15.31 -0.76 -4.29
N PRO A 175 16.51 -1.36 -4.19
CA PRO A 175 17.69 -0.70 -4.78
C PRO A 175 17.62 -0.48 -6.30
N GLU A 176 17.22 -1.49 -7.05
CA GLU A 176 17.04 -1.41 -8.50
C GLU A 176 16.02 -0.40 -9.02
N MET A 177 15.31 0.25 -8.12
CA MET A 177 14.32 1.23 -8.44
C MET A 177 14.76 2.63 -8.05
N ILE A 178 15.53 2.74 -6.98
CA ILE A 178 16.11 4.03 -6.55
C ILE A 178 17.36 4.37 -7.43
N GLU A 179 17.96 3.35 -8.02
CA GLU A 179 19.07 3.51 -8.97
C GLU A 179 18.56 3.75 -10.39
N GLY A 180 17.24 3.70 -10.59
CA GLY A 180 16.63 3.92 -11.88
C GLY A 180 16.68 2.72 -12.82
N ARG A 181 17.19 1.57 -12.36
CA ARG A 181 17.39 0.36 -13.21
C ARG A 181 16.06 -0.35 -13.63
N MET A 182 16.19 -1.49 -14.31
CA MET A 182 15.05 -2.38 -14.61
C MET A 182 14.46 -2.95 -13.33
N HIS A 183 13.13 -3.01 -13.27
CA HIS A 183 12.43 -3.58 -12.12
C HIS A 183 11.23 -4.41 -12.54
N ASP A 184 10.98 -5.52 -11.87
CA ASP A 184 9.85 -6.41 -12.20
C ASP A 184 8.98 -6.56 -10.93
N GLU A 185 8.23 -7.67 -10.85
CA GLU A 185 7.36 -8.01 -9.71
C GLU A 185 8.09 -8.17 -8.38
N LYS A 186 9.36 -8.54 -8.47
CA LYS A 186 10.22 -8.71 -7.31
C LYS A 186 10.30 -7.45 -6.45
N VAL A 187 9.97 -6.32 -7.02
CA VAL A 187 9.93 -5.09 -6.26
C VAL A 187 8.96 -5.14 -5.07
N ASP A 188 7.80 -5.70 -5.32
CA ASP A 188 6.79 -5.81 -4.27
C ASP A 188 7.23 -6.76 -3.13
N LEU A 189 8.14 -7.68 -3.42
CA LEU A 189 8.69 -8.57 -2.43
C LEU A 189 9.64 -7.92 -1.46
N TRP A 190 10.40 -6.96 -1.99
CA TRP A 190 11.20 -6.07 -1.20
C TRP A 190 10.36 -5.28 -0.23
N SER A 191 9.28 -4.70 -0.77
CA SER A 191 8.34 -3.84 -0.01
C SER A 191 7.72 -4.55 1.17
N LEU A 192 7.37 -5.83 0.96
CA LEU A 192 6.87 -6.71 2.02
C LEU A 192 7.86 -6.90 3.17
N GLY A 193 9.15 -7.01 2.84
CA GLY A 193 10.19 -7.20 3.83
C GLY A 193 10.35 -5.94 4.66
N VAL A 194 10.20 -4.78 4.00
CA VAL A 194 10.19 -3.48 4.65
C VAL A 194 8.98 -3.34 5.55
N LEU A 195 7.80 -3.79 5.08
CA LEU A 195 6.58 -3.80 5.94
C LEU A 195 6.70 -4.71 7.08
N CYS A 196 7.11 -5.93 6.78
CA CYS A 196 7.22 -6.90 7.83
C CYS A 196 8.15 -6.37 8.94
N TYR A 197 9.28 -5.74 8.55
CA TYR A 197 10.19 -5.07 9.51
C TYR A 197 9.51 -3.97 10.29
N GLU A 198 8.90 -3.00 9.57
CA GLU A 198 8.24 -1.89 10.24
C GLU A 198 7.07 -2.28 11.23
N PHE A 199 6.33 -3.29 10.85
CA PHE A 199 5.28 -3.82 11.69
C PHE A 199 5.87 -4.36 13.04
N LEU A 200 6.90 -5.15 12.99
CA LEU A 200 7.49 -5.73 14.17
C LEU A 200 8.31 -4.73 15.01
N VAL A 201 9.02 -3.79 14.36
CA VAL A 201 9.99 -2.92 15.06
C VAL A 201 9.33 -1.56 15.40
N GLY A 202 8.45 -1.08 14.52
CA GLY A 202 7.76 0.19 14.68
C GLY A 202 8.28 1.27 13.78
N LYS A 203 9.41 1.02 13.10
CA LYS A 203 9.93 1.93 12.08
C LYS A 203 10.52 1.10 10.91
N PRO A 204 10.62 1.69 9.69
CA PRO A 204 11.16 0.90 8.59
C PRO A 204 12.68 0.71 8.73
N PRO A 205 13.24 -0.34 8.09
CA PRO A 205 14.61 -0.72 8.36
C PRO A 205 15.72 0.24 7.90
N PHE A 206 15.39 1.20 7.02
CA PHE A 206 16.37 2.14 6.44
C PHE A 206 16.02 3.58 6.77
N GLU A 207 15.10 3.81 7.71
CA GLU A 207 14.83 5.21 8.18
C GLU A 207 16.14 5.96 8.51
N ALA A 208 16.15 7.25 8.18
CA ALA A 208 17.29 8.14 8.39
C ALA A 208 16.75 9.50 8.43
N ASN A 209 17.57 10.49 8.80
CA ASN A 209 17.02 11.83 8.96
C ASN A 209 17.03 12.54 7.61
N THR A 210 17.64 11.97 6.60
CA THR A 210 17.68 12.61 5.35
C THR A 210 17.45 11.54 4.31
N TYR A 211 16.99 12.03 3.17
CA TYR A 211 16.72 11.28 1.99
C TYR A 211 18.02 10.72 1.54
N GLN A 212 19.09 11.50 1.69
CA GLN A 212 20.40 11.07 1.16
C GLN A 212 20.99 9.91 1.95
N GLU A 213 20.97 9.98 3.31
CA GLU A 213 21.34 8.78 4.09
C GLU A 213 20.44 7.55 3.75
N THR A 214 19.09 7.69 3.77
CA THR A 214 18.16 6.52 3.41
C THR A 214 18.54 5.88 2.07
N TYR A 215 18.85 6.70 1.06
CA TYR A 215 19.33 6.21 -0.27
C TYR A 215 20.52 5.26 -0.09
N LYS A 216 21.50 5.73 0.71
CA LYS A 216 22.75 4.98 1.00
C LYS A 216 22.41 3.63 1.68
N ARG A 217 21.62 3.73 2.76
CA ARG A 217 21.22 2.57 3.58
C ARG A 217 20.52 1.53 2.70
N ILE A 218 19.56 1.98 1.85
CA ILE A 218 18.88 1.04 0.88
C ILE A 218 19.86 0.45 -0.08
N SER A 219 20.63 1.30 -0.81
CA SER A 219 21.59 0.79 -1.89
C SER A 219 22.55 -0.21 -1.33
N ARG A 220 23.02 0.07 -0.09
CA ARG A 220 23.95 -0.88 0.61
C ARG A 220 23.30 -1.96 1.48
N VAL A 221 21.97 -1.93 1.65
CA VAL A 221 21.14 -2.94 2.40
C VAL A 221 21.56 -3.10 3.88
N GLU A 222 21.60 -1.97 4.54
CA GLU A 222 22.08 -1.78 5.88
C GLU A 222 20.97 -1.61 6.91
N PHE A 223 20.55 -2.75 7.43
CA PHE A 223 19.60 -2.81 8.52
C PHE A 223 20.14 -3.78 9.60
N THR A 224 19.81 -3.45 10.84
CA THR A 224 20.04 -4.28 12.02
C THR A 224 18.71 -4.57 12.72
N PHE A 225 18.59 -5.79 13.24
CA PHE A 225 17.42 -6.17 14.04
C PHE A 225 17.58 -5.83 15.54
N PRO A 226 16.57 -5.13 16.15
CA PRO A 226 16.53 -5.16 17.61
C PRO A 226 16.33 -6.58 18.18
N ASP A 227 16.64 -6.70 19.46
CA ASP A 227 16.67 -7.96 20.20
C ASP A 227 15.35 -8.73 20.18
N PHE A 228 14.23 -8.06 20.41
CA PHE A 228 12.92 -8.72 20.38
C PHE A 228 12.48 -9.40 19.08
N VAL A 229 13.22 -9.22 17.98
CA VAL A 229 12.88 -9.85 16.72
C VAL A 229 13.39 -11.29 16.71
N THR A 230 12.45 -12.20 16.50
CA THR A 230 12.68 -13.63 16.55
C THR A 230 13.34 -14.14 15.27
N GLU A 231 13.99 -15.31 15.34
CA GLU A 231 14.69 -15.91 14.21
C GLU A 231 13.86 -16.16 12.98
N GLY A 232 12.61 -16.59 13.17
CA GLY A 232 11.74 -16.87 12.03
C GLY A 232 11.38 -15.58 11.30
N ALA A 233 11.24 -14.48 12.06
CA ALA A 233 11.04 -13.12 11.50
C ALA A 233 12.29 -12.58 10.82
N ARG A 234 13.43 -12.80 11.46
CA ARG A 234 14.75 -12.48 10.89
C ARG A 234 15.01 -13.26 9.62
N ASP A 235 14.62 -14.52 9.56
CA ASP A 235 14.82 -15.30 8.30
C ASP A 235 14.05 -14.75 7.11
N LEU A 236 12.75 -14.51 7.30
CA LEU A 236 11.90 -14.05 6.19
C LEU A 236 12.26 -12.61 5.76
N ILE A 237 12.53 -11.72 6.72
CA ILE A 237 12.95 -10.35 6.41
C ILE A 237 14.25 -10.37 5.58
N SER A 238 15.25 -11.14 6.04
CA SER A 238 16.56 -11.25 5.36
C SER A 238 16.40 -11.83 3.95
N ARG A 239 15.52 -12.81 3.81
CA ARG A 239 15.20 -13.39 2.48
C ARG A 239 14.51 -12.42 1.52
N LEU A 240 13.72 -11.50 2.05
CA LEU A 240 13.00 -10.51 1.23
C LEU A 240 13.88 -9.31 0.90
N LEU A 241 14.74 -8.90 1.84
CA LEU A 241 15.58 -7.75 1.65
C LEU A 241 16.97 -8.11 1.01
N LYS A 242 16.93 -8.73 -0.18
CA LYS A 242 18.12 -9.12 -0.98
C LYS A 242 18.26 -8.16 -2.14
N HIS A 243 19.49 -7.66 -2.35
CA HIS A 243 19.80 -6.70 -3.42
C HIS A 243 19.48 -7.24 -4.82
N ASN A 244 19.79 -8.50 -5.06
CA ASN A 244 19.47 -9.12 -6.33
C ASN A 244 18.02 -9.55 -6.30
N PRO A 245 17.17 -8.87 -7.09
CA PRO A 245 15.76 -9.23 -7.19
C PRO A 245 15.57 -10.68 -7.45
N SER A 246 16.56 -11.32 -8.05
CA SER A 246 16.46 -12.73 -8.42
C SER A 246 16.45 -13.65 -7.20
N GLN A 247 17.13 -13.26 -6.14
CA GLN A 247 17.19 -14.08 -4.97
C GLN A 247 15.97 -13.95 -4.08
N ARG A 248 15.17 -12.89 -4.25
CA ARG A 248 13.94 -12.74 -3.43
C ARG A 248 13.00 -13.92 -3.68
N PRO A 249 12.31 -14.42 -2.63
CA PRO A 249 11.47 -15.59 -2.87
C PRO A 249 10.20 -15.21 -3.64
N MET A 250 9.45 -16.22 -4.06
CA MET A 250 8.18 -15.98 -4.73
C MET A 250 7.16 -15.78 -3.61
N LEU A 251 6.02 -15.21 -3.95
CA LEU A 251 4.95 -14.96 -2.99
C LEU A 251 4.48 -16.24 -2.33
N ARG A 252 4.42 -17.34 -3.10
CA ARG A 252 4.05 -18.68 -2.56
C ARG A 252 5.02 -19.19 -1.50
N GLU A 253 6.33 -18.97 -1.68
CA GLU A 253 7.33 -19.38 -0.69
C GLU A 253 7.13 -18.58 0.60
N VAL A 254 6.83 -17.28 0.44
CA VAL A 254 6.47 -16.37 1.56
C VAL A 254 5.26 -16.89 2.37
N LEU A 255 4.17 -17.24 1.67
CA LEU A 255 2.90 -17.72 2.27
C LEU A 255 3.07 -19.08 3.03
N GLU A 256 4.08 -19.86 2.59
CA GLU A 256 4.44 -21.15 3.17
C GLU A 256 5.66 -21.04 4.08
N HIS A 257 6.10 -19.83 4.42
CA HIS A 257 7.29 -19.69 5.30
C HIS A 257 6.92 -20.14 6.70
N PRO A 258 7.82 -20.88 7.40
CA PRO A 258 7.43 -21.46 8.69
C PRO A 258 6.94 -20.45 9.74
N TRP A 259 7.58 -19.30 9.79
CA TRP A 259 7.15 -18.16 10.61
C TRP A 259 5.76 -17.64 10.30
N ILE A 260 5.42 -17.57 9.03
CA ILE A 260 4.07 -17.17 8.58
C ILE A 260 3.06 -18.22 8.99
N THR A 261 3.25 -19.46 8.52
CA THR A 261 2.30 -20.61 8.79
C THR A 261 2.00 -20.73 10.28
N ALA A 262 3.04 -20.59 11.11
CA ALA A 262 2.96 -20.68 12.56
C ALA A 262 2.27 -19.52 13.27
N ASN A 263 2.24 -18.32 12.68
CA ASN A 263 1.72 -17.11 13.36
C ASN A 263 0.50 -16.45 12.73
N SER A 264 0.28 -16.67 11.43
CA SER A 264 -0.84 -16.15 10.70
C SER A 264 -2.23 -16.73 11.10
N SER A 265 -3.25 -16.32 10.35
CA SER A 265 -4.66 -16.67 10.53
C SER A 265 -5.28 -17.03 9.14
N LYS A 266 -6.29 -17.92 9.12
CA LYS A 266 -6.84 -18.53 7.84
C LYS A 266 -8.36 -18.82 7.94
N PRO A 267 -9.16 -18.56 6.88
CA PRO A 267 -10.60 -18.89 6.95
C PRO A 267 -10.93 -20.29 6.41
S SKE B . -9.63 7.87 10.78
C1 SKE B . -10.91 5.07 2.56
F1 SKE B . -9.30 8.67 3.70
N1 SKE B . -11.23 4.85 1.25
O1 SKE B . -10.88 8.52 11.07
C2 SKE B . -10.88 5.18 4.63
F2 SKE B . -6.55 5.55 1.70
N2 SKE B . -11.59 4.65 3.59
O2 SKE B . -8.65 8.76 10.48
C3 SKE B . -10.79 5.71 6.99
N3 SKE B . -11.25 5.02 5.95
O3 SKE B . -9.19 6.41 0.87
C4 SKE B . -9.68 6.62 6.98
N4 SKE B . -9.23 6.88 11.93
C5 SKE B . -9.29 7.32 8.13
N5 SKE B . -9.85 5.94 4.27
C6 SKE B . -9.97 7.10 9.35
N6 SKE B . -9.92 5.83 2.95
C7 SKE B . -11.02 6.18 9.33
C8 SKE B . -11.48 5.54 8.17
C9 SKE B . -9.04 6.45 2.08
C10 SKE B . -7.87 7.11 2.72
C11 SKE B . -8.06 8.19 3.53
C12 SKE B . -6.99 8.77 4.16
C13 SKE B . -5.73 8.25 3.98
C14 SKE B . -5.54 7.15 3.16
C15 SKE B . -6.65 6.60 2.52
C1 5E2 C . -10.29 16.62 -16.88
C6 5E2 C . -12.28 11.45 -15.83
C7 5E2 C . -11.60 10.58 -14.97
C9 5E2 C . -9.91 12.30 -14.62
C5 5E2 C . -11.79 12.72 -16.09
C4 5E2 C . -10.60 13.15 -15.48
C3 5E2 C . -10.08 14.50 -15.76
C12 5E2 C . -6.70 17.72 -14.97
C2 5E2 C . -10.79 15.38 -16.65
CL 5E2 C . -6.64 20.16 -16.07
C13 5E2 C . -7.36 18.63 -15.83
C11 5E2 C . -7.24 16.49 -14.76
C14 5E2 C . -8.52 18.32 -16.48
C15 5E2 C . -9.09 17.04 -16.27
C 5E2 C . -11.02 17.54 -17.80
O1 5E2 C . -11.55 17.01 -18.94
O 5E2 C . -11.19 18.73 -17.63
C10 5E2 C . -8.45 16.13 -15.41
N 5E2 C . -8.94 14.86 -15.16
C8 5E2 C . -10.44 11.04 -14.40
BR 5E2 C . -9.49 9.86 -13.19
#